data_3GJB
#
_entry.id   3GJB
#
_cell.length_a   88.988
_cell.length_b   88.988
_cell.length_c   248.442
_cell.angle_alpha   90.00
_cell.angle_beta   90.00
_cell.angle_gamma   90.00
#
_symmetry.space_group_name_H-M   'P 43 21 2'
#
loop_
_entity.id
_entity.type
_entity.pdbx_description
1 polymer CytC3
2 non-polymer 'FE (II) ION'
3 non-polymer '2-OXOGLUTARIC ACID'
4 non-polymer 'ACETATE ION'
5 non-polymer 'SULFATE ION'
6 water water
#
_entity_poly.entity_id   1
_entity_poly.type   'polypeptide(L)'
_entity_poly.pdbx_seq_one_letter_code
;MTTVSEQANFTFSPEEVARFERDGYIGPVKIFEPEEMTRRWNIIRRQLLDRSLAIYPDSNGKANISNYDRHLDIDLLAEH
IMRPEIVDRVGSLIGRNLLCWRSEFFPKYQGDEGTDWHQAATFAHATGKPQIIWPSDEGRPAFIGTITVWTAFTHSTEQN
GCLQLMPGTHTSMNYDESKGMDYDADAINQREKDGIKRGFFGYDYRSLQKDPDWKPDESQAYPMVLKPGEAVIFWSNTMH
ASLPHTGSKTDYRMGFAARYVPTQVQVYPGTENLTEYGDGINLEKYGAVLTSGVDEYGHNRIARTSQRGYEFVPRQIPS
;
_entity_poly.pdbx_strand_id   A,B
#
# COMPACT_ATOMS: atom_id res chain seq x y z
N ALA A 8 14.61 -34.22 -11.78
CA ALA A 8 13.75 -33.00 -11.76
C ALA A 8 14.29 -32.00 -10.74
N ASN A 9 14.62 -30.80 -11.21
CA ASN A 9 15.15 -29.77 -10.34
C ASN A 9 14.74 -28.40 -10.91
N PHE A 10 14.17 -27.54 -10.06
CA PHE A 10 13.76 -26.23 -10.53
C PHE A 10 14.43 -25.08 -9.80
N THR A 11 15.61 -25.31 -9.24
CA THR A 11 16.33 -24.27 -8.53
C THR A 11 16.72 -23.19 -9.54
N PHE A 12 16.85 -21.95 -9.08
CA PHE A 12 17.22 -20.86 -9.98
C PHE A 12 18.71 -20.84 -10.29
N SER A 13 19.04 -20.29 -11.44
CA SER A 13 20.43 -20.17 -11.87
C SER A 13 21.00 -18.97 -11.13
N PRO A 14 22.33 -18.84 -11.11
CA PRO A 14 22.93 -17.70 -10.40
C PRO A 14 22.46 -16.40 -11.04
N GLU A 15 22.20 -16.46 -12.34
CA GLU A 15 21.73 -15.31 -13.10
C GLU A 15 20.35 -14.91 -12.61
N GLU A 16 19.42 -15.85 -12.70
CA GLU A 16 18.05 -15.62 -12.27
C GLU A 16 18.02 -15.10 -10.85
N VAL A 17 18.74 -15.76 -9.96
CA VAL A 17 18.80 -15.35 -8.55
C VAL A 17 19.28 -13.91 -8.45
N ALA A 18 20.22 -13.55 -9.31
CA ALA A 18 20.79 -12.21 -9.34
C ALA A 18 19.75 -11.14 -9.69
N ARG A 19 18.95 -11.39 -10.73
CA ARG A 19 17.95 -10.41 -11.11
C ARG A 19 16.82 -10.34 -10.10
N PHE A 20 16.61 -11.41 -9.34
CA PHE A 20 15.58 -11.35 -8.32
C PHE A 20 16.12 -10.41 -7.24
N GLU A 21 17.40 -10.56 -6.92
CA GLU A 21 18.02 -9.69 -5.91
C GLU A 21 17.93 -8.25 -6.35
N ARG A 22 17.98 -8.04 -7.66
CA ARG A 22 17.93 -6.69 -8.22
C ARG A 22 16.54 -6.08 -8.27
N ASP A 23 15.53 -6.88 -8.62
CA ASP A 23 14.17 -6.39 -8.74
C ASP A 23 13.22 -6.64 -7.58
N GLY A 24 13.46 -7.69 -6.81
CA GLY A 24 12.57 -7.98 -5.71
C GLY A 24 11.46 -8.90 -6.21
N TYR A 25 11.62 -9.34 -7.45
CA TYR A 25 10.65 -10.24 -8.05
C TYR A 25 11.24 -10.94 -9.27
N ILE A 26 10.58 -11.99 -9.71
CA ILE A 26 11.01 -12.75 -10.87
C ILE A 26 9.76 -13.44 -11.41
N GLY A 27 9.51 -13.26 -12.69
CA GLY A 27 8.35 -13.87 -13.30
C GLY A 27 8.29 -13.45 -14.74
N PRO A 28 7.52 -14.15 -15.59
CA PRO A 28 6.72 -15.33 -15.23
C PRO A 28 7.57 -16.60 -15.10
N VAL A 29 7.13 -17.52 -14.24
CA VAL A 29 7.81 -18.80 -14.09
C VAL A 29 6.70 -19.82 -14.23
N LYS A 30 6.93 -20.85 -15.02
CA LYS A 30 5.92 -21.86 -15.25
C LYS A 30 5.82 -22.86 -14.10
N ILE A 31 4.61 -23.02 -13.59
CA ILE A 31 4.35 -23.97 -12.51
C ILE A 31 3.59 -25.14 -13.14
N PHE A 32 2.60 -24.81 -13.96
CA PHE A 32 1.80 -25.81 -14.64
C PHE A 32 1.53 -25.34 -16.05
N GLU A 33 1.15 -26.26 -16.93
CA GLU A 33 0.80 -25.89 -18.28
C GLU A 33 -0.58 -25.26 -18.13
N PRO A 34 -0.92 -24.31 -19.02
CA PRO A 34 -2.23 -23.64 -18.95
C PRO A 34 -3.44 -24.57 -18.82
N GLU A 35 -3.46 -25.66 -19.58
CA GLU A 35 -4.59 -26.57 -19.54
C GLU A 35 -4.67 -27.29 -18.20
N GLU A 36 -3.50 -27.62 -17.64
CA GLU A 36 -3.45 -28.30 -16.36
C GLU A 36 -3.93 -27.37 -15.27
N MET A 37 -3.38 -26.16 -15.25
CA MET A 37 -3.78 -25.18 -14.24
C MET A 37 -5.28 -25.01 -14.26
N THR A 38 -5.83 -24.84 -15.46
CA THR A 38 -7.28 -24.65 -15.61
C THR A 38 -8.04 -25.87 -15.11
N ARG A 39 -7.54 -27.05 -15.46
CA ARG A 39 -8.18 -28.27 -15.04
C ARG A 39 -8.25 -28.30 -13.52
N ARG A 40 -7.14 -27.97 -12.87
CA ARG A 40 -7.07 -27.96 -11.40
C ARG A 40 -7.98 -26.91 -10.77
N TRP A 41 -7.94 -25.71 -11.33
CA TRP A 41 -8.76 -24.60 -10.86
C TRP A 41 -10.23 -24.92 -11.03
N ASN A 42 -10.57 -25.76 -12.01
CA ASN A 42 -11.97 -26.11 -12.21
C ASN A 42 -12.44 -26.93 -11.00
N ILE A 43 -11.56 -27.78 -10.49
CA ILE A 43 -11.88 -28.62 -9.33
C ILE A 43 -11.88 -27.76 -8.09
N ILE A 44 -10.76 -27.08 -7.87
CA ILE A 44 -10.55 -26.22 -6.71
C ILE A 44 -11.68 -25.24 -6.48
N ARG A 45 -12.08 -24.56 -7.56
CA ARG A 45 -13.15 -23.56 -7.51
C ARG A 45 -14.38 -24.14 -6.82
N ARG A 46 -14.75 -25.36 -7.19
CA ARG A 46 -15.92 -26.02 -6.61
C ARG A 46 -15.66 -26.47 -5.17
N GLN A 47 -14.46 -26.96 -4.91
CA GLN A 47 -14.11 -27.43 -3.59
C GLN A 47 -14.02 -26.32 -2.55
N LEU A 48 -13.62 -25.13 -2.99
CA LEU A 48 -13.53 -23.97 -2.12
C LEU A 48 -14.87 -23.80 -1.42
N LEU A 49 -15.95 -24.07 -2.15
CA LEU A 49 -17.30 -23.94 -1.64
C LEU A 49 -17.60 -24.75 -0.38
N ASP A 50 -17.01 -25.93 -0.27
CA ASP A 50 -17.23 -26.79 0.90
C ASP A 50 -16.20 -26.45 1.97
N ARG A 51 -16.66 -25.90 3.08
CA ARG A 51 -15.76 -25.52 4.16
C ARG A 51 -15.83 -26.47 5.34
N SER A 52 -16.46 -27.63 5.14
CA SER A 52 -16.61 -28.60 6.22
C SER A 52 -15.31 -28.90 6.95
N LEU A 53 -14.19 -28.86 6.25
CA LEU A 53 -12.91 -29.14 6.88
C LEU A 53 -11.92 -27.97 6.82
N ALA A 54 -12.42 -26.78 6.53
CA ALA A 54 -11.55 -25.61 6.48
C ALA A 54 -11.12 -25.33 7.92
N ILE A 55 -9.87 -24.96 8.13
CA ILE A 55 -9.44 -24.69 9.49
C ILE A 55 -10.06 -23.44 10.11
N TYR A 56 -10.52 -22.49 9.30
CA TYR A 56 -11.15 -21.28 9.84
C TYR A 56 -12.68 -21.35 9.79
N PRO A 57 -13.33 -20.98 10.91
CA PRO A 57 -14.78 -20.99 11.06
C PRO A 57 -15.49 -19.96 10.19
N ASP A 58 -16.81 -20.08 10.11
CA ASP A 58 -17.59 -19.14 9.33
C ASP A 58 -17.55 -17.78 10.00
N SER A 59 -17.19 -16.76 9.23
CA SER A 59 -17.11 -15.39 9.74
C SER A 59 -17.12 -14.46 8.56
N ASN A 60 -16.97 -13.17 8.83
CA ASN A 60 -16.94 -12.18 7.76
C ASN A 60 -15.55 -11.61 7.66
N GLY A 61 -14.62 -12.18 8.42
CA GLY A 61 -13.25 -11.71 8.39
C GLY A 61 -12.64 -12.07 7.05
N LYS A 62 -11.59 -11.35 6.64
CA LYS A 62 -11.02 -11.63 5.35
C LYS A 62 -10.42 -13.03 5.23
N ALA A 63 -10.04 -13.63 6.35
CA ALA A 63 -9.49 -14.99 6.35
C ALA A 63 -10.51 -15.97 5.76
N ASN A 64 -11.78 -15.66 5.93
CA ASN A 64 -12.87 -16.48 5.43
C ASN A 64 -13.26 -16.05 4.01
N ILE A 65 -13.54 -14.76 3.86
CA ILE A 65 -13.95 -14.15 2.60
C ILE A 65 -12.94 -14.31 1.46
N SER A 66 -11.65 -14.27 1.79
CA SER A 66 -10.59 -14.43 0.80
C SER A 66 -9.98 -15.83 0.86
N ASN A 67 -10.69 -16.74 1.54
CA ASN A 67 -10.24 -18.13 1.68
C ASN A 67 -8.78 -18.33 2.00
N TYR A 68 -8.39 -17.95 3.21
CA TYR A 68 -7.02 -18.12 3.64
C TYR A 68 -6.77 -19.56 3.99
N ASP A 69 -5.55 -19.99 3.73
CA ASP A 69 -5.05 -21.32 4.04
C ASP A 69 -5.91 -22.55 3.72
N ARG A 70 -6.48 -22.58 2.54
CA ARG A 70 -7.29 -23.73 2.14
C ARG A 70 -6.37 -24.86 1.69
N HIS A 71 -5.07 -24.59 1.64
CA HIS A 71 -4.11 -25.62 1.28
C HIS A 71 -4.03 -26.59 2.45
N LEU A 72 -4.69 -26.26 3.55
CA LEU A 72 -4.69 -27.14 4.72
C LEU A 72 -5.88 -28.09 4.69
N ASP A 73 -6.75 -27.96 3.68
CA ASP A 73 -7.87 -28.88 3.57
C ASP A 73 -8.22 -29.31 2.14
N ILE A 74 -7.80 -28.54 1.13
CA ILE A 74 -8.06 -28.91 -0.25
C ILE A 74 -6.80 -29.60 -0.78
N ASP A 75 -6.94 -30.86 -1.21
CA ASP A 75 -5.80 -31.63 -1.71
C ASP A 75 -4.97 -30.95 -2.79
N LEU A 76 -5.65 -30.37 -3.77
CA LEU A 76 -4.97 -29.72 -4.88
C LEU A 76 -4.22 -28.46 -4.44
N LEU A 77 -4.67 -27.83 -3.36
CA LEU A 77 -3.98 -26.65 -2.87
C LEU A 77 -2.83 -27.11 -2.00
N ALA A 78 -3.04 -28.22 -1.29
CA ALA A 78 -2.01 -28.82 -0.45
C ALA A 78 -0.83 -29.20 -1.33
N GLU A 79 -1.14 -29.75 -2.50
CA GLU A 79 -0.09 -30.17 -3.44
C GLU A 79 0.58 -28.96 -4.06
N HIS A 80 -0.23 -27.95 -4.37
CA HIS A 80 0.28 -26.74 -4.99
C HIS A 80 1.44 -26.12 -4.20
N ILE A 81 1.26 -25.92 -2.90
CA ILE A 81 2.31 -25.31 -2.09
C ILE A 81 3.52 -26.20 -1.91
N MET A 82 3.37 -27.49 -2.24
CA MET A 82 4.45 -28.46 -2.15
C MET A 82 5.21 -28.63 -3.48
N ARG A 83 4.64 -28.11 -4.55
CA ARG A 83 5.24 -28.23 -5.87
C ARG A 83 6.71 -27.86 -5.99
N PRO A 84 7.51 -28.75 -6.61
CA PRO A 84 8.94 -28.57 -6.83
C PRO A 84 9.22 -27.31 -7.65
N GLU A 85 8.32 -27.03 -8.60
CA GLU A 85 8.45 -25.84 -9.44
C GLU A 85 8.39 -24.57 -8.59
N ILE A 86 7.68 -24.66 -7.47
CA ILE A 86 7.59 -23.52 -6.58
C ILE A 86 8.72 -23.61 -5.57
N VAL A 87 8.73 -24.69 -4.81
CA VAL A 87 9.72 -24.95 -3.76
C VAL A 87 11.19 -24.84 -4.17
N ASP A 88 11.58 -25.50 -5.25
CA ASP A 88 12.99 -25.41 -5.66
C ASP A 88 13.38 -23.97 -5.93
N ARG A 89 12.44 -23.20 -6.48
CA ARG A 89 12.72 -21.80 -6.80
C ARG A 89 12.81 -20.95 -5.54
N VAL A 90 11.81 -21.05 -4.68
CA VAL A 90 11.81 -20.28 -3.44
C VAL A 90 13.04 -20.67 -2.63
N GLY A 91 13.35 -21.97 -2.62
CA GLY A 91 14.49 -22.48 -1.89
C GLY A 91 15.79 -21.88 -2.38
N SER A 92 15.86 -21.57 -3.67
CA SER A 92 17.05 -20.97 -4.24
C SER A 92 17.17 -19.55 -3.71
N LEU A 93 16.06 -18.98 -3.26
CA LEU A 93 16.06 -17.61 -2.76
C LEU A 93 16.27 -17.47 -1.26
N ILE A 94 15.51 -18.19 -0.43
CA ILE A 94 15.74 -18.05 1.00
C ILE A 94 16.08 -19.33 1.76
N GLY A 95 16.59 -20.34 1.07
CA GLY A 95 16.99 -21.56 1.74
C GLY A 95 16.16 -22.79 1.47
N ARG A 96 16.74 -23.96 1.76
CA ARG A 96 16.08 -25.25 1.54
C ARG A 96 15.14 -25.64 2.67
N ASN A 97 15.25 -25.00 3.82
CA ASN A 97 14.35 -25.30 4.93
C ASN A 97 13.21 -24.29 4.81
N LEU A 98 12.17 -24.66 4.08
CA LEU A 98 11.05 -23.75 3.84
C LEU A 98 9.72 -24.08 4.46
N LEU A 99 9.07 -23.02 4.94
CA LEU A 99 7.75 -23.12 5.53
C LEU A 99 6.77 -22.31 4.71
N CYS A 100 5.60 -22.88 4.47
CA CYS A 100 4.54 -22.17 3.78
C CYS A 100 3.63 -21.87 4.96
N TRP A 101 3.56 -20.60 5.34
CA TRP A 101 2.74 -20.23 6.50
C TRP A 101 1.38 -19.64 6.11
N ARG A 102 1.16 -19.48 4.81
CA ARG A 102 -0.13 -18.94 4.36
C ARG A 102 -0.34 -18.96 2.86
N SER A 103 -1.62 -19.04 2.50
CA SER A 103 -2.03 -18.99 1.11
C SER A 103 -3.36 -18.23 1.15
N GLU A 104 -3.63 -17.47 0.09
CA GLU A 104 -4.85 -16.69 0.00
C GLU A 104 -5.19 -16.46 -1.46
N PHE A 105 -6.46 -16.18 -1.74
CA PHE A 105 -6.89 -15.93 -3.10
C PHE A 105 -6.96 -14.43 -3.40
N PHE A 106 -6.66 -14.08 -4.63
CA PHE A 106 -6.70 -12.69 -5.07
C PHE A 106 -7.55 -12.60 -6.32
N PRO A 107 -8.86 -12.47 -6.14
CA PRO A 107 -9.72 -12.37 -7.33
C PRO A 107 -9.83 -10.92 -7.77
N LYS A 108 -10.23 -10.71 -9.01
CA LYS A 108 -10.41 -9.36 -9.51
C LYS A 108 -11.54 -9.42 -10.53
N TYR A 109 -12.51 -8.54 -10.34
CA TYR A 109 -13.68 -8.52 -11.21
C TYR A 109 -13.83 -7.22 -11.96
N GLN A 110 -14.62 -7.25 -13.02
CA GLN A 110 -14.86 -6.06 -13.83
C GLN A 110 -15.27 -4.90 -12.92
N GLY A 111 -14.62 -3.76 -13.08
CA GLY A 111 -14.95 -2.60 -12.26
C GLY A 111 -14.03 -2.37 -11.10
N ASP A 112 -13.25 -3.38 -10.70
CA ASP A 112 -12.33 -3.20 -9.59
C ASP A 112 -11.27 -2.20 -10.00
N GLU A 113 -10.99 -1.26 -9.12
CA GLU A 113 -9.99 -0.25 -9.43
C GLU A 113 -8.58 -0.76 -9.23
N GLY A 114 -7.63 -0.07 -9.82
CA GLY A 114 -6.24 -0.46 -9.67
C GLY A 114 -5.76 0.19 -8.40
N THR A 115 -4.47 0.09 -8.12
CA THR A 115 -3.91 0.70 -6.93
C THR A 115 -2.66 1.41 -7.38
N ASP A 116 -2.23 2.40 -6.60
CA ASP A 116 -1.03 3.17 -6.91
C ASP A 116 0.15 2.40 -6.31
N TRP A 117 1.37 2.90 -6.55
CA TRP A 117 2.59 2.27 -6.06
C TRP A 117 2.69 2.20 -4.52
N HIS A 118 2.90 1.00 -4.01
CA HIS A 118 3.00 0.79 -2.57
C HIS A 118 3.65 -0.55 -2.27
N GLN A 119 3.94 -0.77 -1.00
CA GLN A 119 4.49 -2.04 -0.58
C GLN A 119 3.75 -2.49 0.67
N ALA A 120 3.27 -3.73 0.63
CA ALA A 120 2.51 -4.29 1.72
C ALA A 120 3.38 -4.74 2.89
N ALA A 121 2.80 -4.75 4.08
CA ALA A 121 3.50 -5.18 5.28
C ALA A 121 2.81 -6.44 5.77
N THR A 122 3.51 -7.27 6.52
CA THR A 122 2.94 -8.52 6.99
C THR A 122 2.22 -8.42 8.34
N PHE A 123 1.84 -7.22 8.74
CA PHE A 123 1.14 -7.02 10.01
C PHE A 123 -0.32 -7.38 9.82
N ALA A 124 -0.96 -7.95 10.85
CA ALA A 124 -2.37 -8.29 10.76
C ALA A 124 -3.16 -6.99 10.73
N HIS A 125 -4.19 -6.92 9.89
CA HIS A 125 -4.97 -5.69 9.80
C HIS A 125 -5.77 -5.42 11.07
N ALA A 126 -6.45 -6.44 11.58
CA ALA A 126 -7.26 -6.28 12.78
C ALA A 126 -6.53 -5.76 14.02
N THR A 127 -5.27 -6.15 14.17
CA THR A 127 -4.51 -5.76 15.36
C THR A 127 -3.19 -5.04 15.13
N GLY A 128 -2.69 -5.10 13.90
CA GLY A 128 -1.42 -4.46 13.62
C GLY A 128 -0.25 -5.27 14.13
N LYS A 129 -0.54 -6.45 14.68
CA LYS A 129 0.53 -7.32 15.19
C LYS A 129 1.30 -7.92 14.03
N PRO A 130 2.63 -8.08 14.19
CA PRO A 130 3.42 -8.67 13.12
C PRO A 130 3.12 -10.17 13.07
N GLN A 131 2.90 -10.69 11.87
CA GLN A 131 2.60 -12.10 11.68
C GLN A 131 3.87 -12.91 11.44
N ILE A 132 4.88 -12.27 10.86
CA ILE A 132 6.15 -12.92 10.58
C ILE A 132 7.31 -12.14 11.16
N ILE A 133 8.15 -12.83 11.94
CA ILE A 133 9.31 -12.19 12.57
C ILE A 133 10.58 -12.98 12.29
N TRP A 134 11.57 -12.31 11.70
CA TRP A 134 12.84 -12.93 11.37
C TRP A 134 13.84 -12.71 12.52
N PRO A 135 14.88 -13.55 12.61
CA PRO A 135 15.89 -13.40 13.67
C PRO A 135 16.52 -12.03 13.48
N SER A 136 16.90 -11.39 14.58
CA SER A 136 17.50 -10.06 14.49
C SER A 136 18.57 -9.82 15.54
N ASP A 137 19.53 -8.93 15.22
CA ASP A 137 20.61 -8.59 16.14
C ASP A 137 20.14 -7.71 17.30
N ARG A 140 18.95 -4.24 15.31
CA ARG A 140 17.79 -4.33 16.26
C ARG A 140 16.45 -4.63 15.59
N PRO A 141 16.12 -3.96 14.46
CA PRO A 141 14.85 -4.17 13.75
C PRO A 141 14.78 -5.55 13.10
N ALA A 142 13.69 -6.26 13.34
CA ALA A 142 13.50 -7.59 12.77
C ALA A 142 12.84 -7.49 11.40
N PHE A 143 13.44 -8.15 10.40
CA PHE A 143 12.89 -8.17 9.05
C PHE A 143 11.56 -8.92 9.14
N ILE A 144 10.60 -8.54 8.30
CA ILE A 144 9.29 -9.18 8.36
C ILE A 144 8.74 -9.61 7.00
N GLY A 145 9.61 -9.70 6.01
CA GLY A 145 9.18 -10.10 4.68
C GLY A 145 8.96 -11.58 4.49
N THR A 146 8.20 -11.94 3.45
CA THR A 146 7.92 -13.33 3.14
C THR A 146 7.87 -13.51 1.61
N ILE A 147 8.56 -14.51 1.09
CA ILE A 147 8.52 -14.73 -0.35
C ILE A 147 7.13 -15.20 -0.72
N THR A 148 6.53 -14.47 -1.65
CA THR A 148 5.17 -14.77 -2.11
C THR A 148 5.21 -15.34 -3.53
N VAL A 149 4.50 -16.45 -3.73
CA VAL A 149 4.43 -17.08 -5.03
C VAL A 149 3.00 -16.90 -5.50
N TRP A 150 2.83 -15.99 -6.45
CA TRP A 150 1.52 -15.65 -6.98
C TRP A 150 1.25 -16.43 -8.28
N THR A 151 0.40 -17.45 -8.18
CA THR A 151 0.07 -18.26 -9.34
C THR A 151 -1.24 -17.82 -9.98
N ALA A 152 -1.21 -17.65 -11.30
CA ALA A 152 -2.42 -17.26 -12.02
C ALA A 152 -3.29 -18.50 -12.23
N PHE A 153 -4.49 -18.50 -11.66
CA PHE A 153 -5.39 -19.63 -11.84
C PHE A 153 -6.20 -19.41 -13.12
N THR A 154 -6.42 -18.15 -13.45
CA THR A 154 -7.09 -17.75 -14.68
C THR A 154 -6.00 -16.86 -15.25
N HIS A 155 -6.18 -16.34 -16.46
CA HIS A 155 -5.14 -15.47 -16.98
C HIS A 155 -5.14 -14.11 -16.25
N SER A 156 -3.97 -13.53 -16.10
CA SER A 156 -3.89 -12.23 -15.46
C SER A 156 -3.44 -11.32 -16.58
N THR A 157 -4.32 -10.43 -17.02
CA THR A 157 -3.99 -9.54 -18.13
C THR A 157 -4.08 -8.09 -17.72
N GLU A 158 -3.64 -7.20 -18.61
CA GLU A 158 -3.74 -5.79 -18.33
C GLU A 158 -5.21 -5.46 -18.31
N GLN A 159 -5.98 -6.12 -19.17
CA GLN A 159 -7.40 -5.84 -19.22
C GLN A 159 -8.14 -6.23 -17.95
N ASN A 160 -7.75 -7.33 -17.29
CA ASN A 160 -8.45 -7.70 -16.07
C ASN A 160 -7.79 -7.31 -14.74
N GLY A 161 -6.94 -6.29 -14.80
CA GLY A 161 -6.29 -5.75 -13.62
C GLY A 161 -5.04 -6.38 -13.06
N CYS A 162 -4.15 -6.82 -13.94
CA CYS A 162 -2.92 -7.47 -13.50
C CYS A 162 -2.04 -6.58 -12.63
N LEU A 163 -1.16 -7.21 -11.87
CA LEU A 163 -0.23 -6.50 -11.00
C LEU A 163 0.80 -5.75 -11.84
N GLN A 164 1.47 -4.81 -11.19
CA GLN A 164 2.50 -4.02 -11.84
C GLN A 164 3.72 -4.01 -10.93
N LEU A 165 4.86 -4.40 -11.49
CA LEU A 165 6.11 -4.47 -10.74
C LEU A 165 7.10 -3.46 -11.27
N MET A 166 8.03 -3.06 -10.40
CA MET A 166 9.04 -2.08 -10.76
C MET A 166 10.45 -2.65 -10.67
N PRO A 167 11.19 -2.63 -11.80
CA PRO A 167 12.57 -3.13 -11.87
C PRO A 167 13.44 -2.38 -10.88
N GLY A 168 14.66 -2.86 -10.65
CA GLY A 168 15.52 -2.20 -9.69
C GLY A 168 14.77 -2.29 -8.38
N THR A 169 15.20 -1.56 -7.35
CA THR A 169 14.47 -1.63 -6.09
C THR A 169 13.25 -0.71 -6.13
N ASN A 174 15.42 5.46 -1.19
CA ASN A 174 14.18 4.90 -1.82
C ASN A 174 14.34 4.70 -3.32
N TYR A 175 14.92 5.69 -3.99
CA TYR A 175 15.14 5.61 -5.43
C TYR A 175 16.65 5.48 -5.67
N ASP A 176 17.07 5.09 -6.86
CA ASP A 176 18.49 4.93 -7.14
C ASP A 176 19.02 5.92 -8.18
N ALA A 221 7.23 0.82 -15.10
CA ALA A 221 5.80 0.49 -14.80
C ALA A 221 5.35 -0.73 -15.59
N TYR A 222 6.10 -1.83 -15.46
CA TYR A 222 5.80 -3.05 -16.18
C TYR A 222 4.64 -3.90 -15.63
N PRO A 223 3.75 -4.37 -16.52
CA PRO A 223 2.59 -5.20 -16.19
C PRO A 223 3.04 -6.65 -16.13
N MET A 224 2.71 -7.35 -15.05
CA MET A 224 3.09 -8.74 -14.92
C MET A 224 1.94 -9.63 -15.41
N VAL A 225 1.80 -9.76 -16.74
CA VAL A 225 0.72 -10.58 -17.30
C VAL A 225 1.13 -12.06 -17.21
N LEU A 226 0.18 -12.91 -16.83
CA LEU A 226 0.45 -14.32 -16.67
C LEU A 226 -0.59 -15.21 -17.30
N LYS A 227 -0.15 -16.34 -17.83
CA LYS A 227 -1.07 -17.29 -18.41
C LYS A 227 -1.47 -18.20 -17.26
N PRO A 228 -2.55 -18.96 -17.41
CA PRO A 228 -2.91 -19.83 -16.29
C PRO A 228 -1.73 -20.76 -16.03
N GLY A 229 -1.39 -20.99 -14.76
CA GLY A 229 -0.29 -21.88 -14.47
C GLY A 229 1.05 -21.17 -14.34
N GLU A 230 1.10 -19.91 -14.75
CA GLU A 230 2.33 -19.16 -14.61
C GLU A 230 2.29 -18.43 -13.28
N ALA A 231 3.45 -18.09 -12.75
CA ALA A 231 3.49 -17.39 -11.48
C ALA A 231 4.57 -16.34 -11.45
N VAL A 232 4.39 -15.40 -10.53
CA VAL A 232 5.38 -14.37 -10.34
C VAL A 232 5.82 -14.54 -8.90
N ILE A 233 7.12 -14.52 -8.67
CA ILE A 233 7.64 -14.68 -7.34
C ILE A 233 8.24 -13.36 -6.89
N PHE A 234 7.82 -12.91 -5.72
CA PHE A 234 8.31 -11.64 -5.19
C PHE A 234 8.26 -11.55 -3.66
N TRP A 235 9.08 -10.68 -3.10
CA TRP A 235 9.06 -10.44 -1.68
C TRP A 235 7.72 -9.75 -1.45
N SER A 236 7.04 -10.13 -0.37
CA SER A 236 5.74 -9.55 -0.03
C SER A 236 5.75 -8.03 0.06
N ASN A 237 6.91 -7.44 0.35
CA ASN A 237 7.00 -5.99 0.48
C ASN A 237 7.60 -5.29 -0.74
N THR A 238 7.64 -5.99 -1.87
CA THR A 238 8.19 -5.38 -3.07
C THR A 238 7.22 -4.31 -3.59
N MET A 239 7.80 -3.23 -4.10
CA MET A 239 7.03 -2.13 -4.67
C MET A 239 6.17 -2.64 -5.82
N HIS A 240 4.86 -2.43 -5.73
CA HIS A 240 3.98 -2.87 -6.80
C HIS A 240 2.77 -1.97 -6.90
N ALA A 241 2.04 -2.14 -8.00
CA ALA A 241 0.83 -1.38 -8.25
C ALA A 241 -0.09 -2.33 -9.00
N SER A 242 -1.26 -1.86 -9.40
CA SER A 242 -2.16 -2.72 -10.15
C SER A 242 -3.09 -1.88 -10.98
N LEU A 243 -3.46 -2.44 -12.13
CA LEU A 243 -4.34 -1.78 -13.06
C LEU A 243 -5.78 -2.07 -12.72
N PRO A 244 -6.70 -1.24 -13.20
CA PRO A 244 -8.12 -1.47 -12.92
C PRO A 244 -8.57 -2.57 -13.88
N HIS A 245 -9.68 -3.22 -13.56
CA HIS A 245 -10.20 -4.27 -14.42
C HIS A 245 -11.17 -3.60 -15.37
N THR A 246 -10.80 -3.57 -16.65
CA THR A 246 -11.64 -2.92 -17.66
C THR A 246 -12.14 -3.90 -18.70
N GLY A 247 -12.18 -5.18 -18.36
CA GLY A 247 -12.63 -6.19 -19.29
C GLY A 247 -14.11 -6.50 -19.15
N SER A 248 -14.53 -7.66 -19.63
CA SER A 248 -15.94 -8.05 -19.53
C SER A 248 -16.25 -8.58 -18.14
N LYS A 249 -17.53 -8.61 -17.79
CA LYS A 249 -17.95 -9.08 -16.48
C LYS A 249 -17.80 -10.59 -16.25
N THR A 250 -17.59 -11.35 -17.32
CA THR A 250 -17.42 -12.78 -17.20
C THR A 250 -15.94 -13.13 -17.16
N ASP A 251 -15.10 -12.14 -17.37
CA ASP A 251 -13.65 -12.35 -17.35
C ASP A 251 -13.09 -11.96 -15.99
N TYR A 252 -12.95 -12.92 -15.10
CA TYR A 252 -12.42 -12.59 -13.78
C TYR A 252 -11.01 -13.13 -13.69
N ARG A 253 -10.18 -12.48 -12.88
CA ARG A 253 -8.82 -12.94 -12.71
C ARG A 253 -8.75 -13.57 -11.33
N MET A 254 -8.07 -14.70 -11.24
CA MET A 254 -7.93 -15.39 -9.97
C MET A 254 -6.51 -15.77 -9.72
N GLY A 255 -5.91 -15.12 -8.73
CA GLY A 255 -4.54 -15.43 -8.37
C GLY A 255 -4.55 -16.19 -7.06
N PHE A 256 -3.65 -17.16 -6.94
CA PHE A 256 -3.54 -17.92 -5.72
C PHE A 256 -2.15 -17.67 -5.21
N ALA A 257 -2.04 -17.05 -4.04
CA ALA A 257 -0.73 -16.74 -3.49
C ALA A 257 -0.37 -17.63 -2.32
N ALA A 258 0.86 -18.11 -2.32
CA ALA A 258 1.37 -18.94 -1.24
C ALA A 258 2.60 -18.20 -0.73
N ARG A 259 2.68 -18.01 0.58
CA ARG A 259 3.81 -17.27 1.15
C ARG A 259 4.75 -18.18 1.96
N TYR A 260 6.05 -17.98 1.74
CA TYR A 260 7.08 -18.79 2.39
C TYR A 260 8.11 -18.03 3.23
N VAL A 261 8.56 -18.69 4.29
CA VAL A 261 9.59 -18.16 5.18
C VAL A 261 10.52 -19.29 5.60
N PRO A 262 11.82 -19.00 5.74
CA PRO A 262 12.72 -20.07 6.17
C PRO A 262 12.32 -20.49 7.58
N THR A 263 12.79 -21.64 8.02
CA THR A 263 12.44 -22.17 9.35
C THR A 263 12.80 -21.32 10.57
N GLN A 264 13.88 -20.54 10.49
CA GLN A 264 14.27 -19.71 11.61
C GLN A 264 13.29 -18.57 11.88
N VAL A 265 12.36 -18.35 10.96
CA VAL A 265 11.39 -17.28 11.13
C VAL A 265 10.24 -17.73 12.03
N GLN A 266 9.78 -16.82 12.88
CA GLN A 266 8.68 -17.11 13.78
C GLN A 266 7.37 -16.65 13.14
N VAL A 267 6.43 -17.59 12.98
CA VAL A 267 5.15 -17.27 12.40
C VAL A 267 4.15 -17.05 13.52
N TYR A 268 3.27 -16.07 13.35
CA TYR A 268 2.28 -15.76 14.38
C TYR A 268 2.90 -15.71 15.78
N PRO A 269 3.93 -14.86 15.96
CA PRO A 269 4.57 -14.76 17.27
C PRO A 269 3.65 -14.16 18.32
N GLY A 270 3.89 -14.54 19.57
CA GLY A 270 3.10 -14.04 20.69
C GLY A 270 1.67 -14.55 20.70
N THR A 271 1.44 -15.74 20.18
CA THR A 271 0.08 -16.28 20.16
C THR A 271 0.03 -17.65 20.84
N GLU A 272 1.04 -17.94 21.65
CA GLU A 272 1.13 -19.21 22.36
C GLU A 272 -0.17 -19.67 23.03
N ASN A 273 -0.90 -18.74 23.64
CA ASN A 273 -2.15 -19.09 24.31
C ASN A 273 -3.38 -18.47 23.64
N LEU A 274 -3.32 -18.27 22.33
CA LEU A 274 -4.42 -17.69 21.59
C LEU A 274 -4.99 -18.63 20.55
N THR A 275 -6.23 -18.38 20.16
CA THR A 275 -6.89 -19.15 19.11
C THR A 275 -7.51 -18.09 18.20
N GLU A 276 -8.41 -17.28 18.76
CA GLU A 276 -9.06 -16.21 18.01
C GLU A 276 -7.98 -15.15 17.84
N TYR A 277 -7.52 -14.95 16.60
CA TYR A 277 -6.44 -14.02 16.30
C TYR A 277 -6.91 -12.75 15.59
N GLY A 278 -8.09 -12.79 15.00
CA GLY A 278 -8.59 -11.61 14.30
C GLY A 278 -8.65 -11.84 12.80
N ASP A 279 -9.47 -11.05 12.12
CA ASP A 279 -9.64 -11.14 10.67
C ASP A 279 -10.15 -12.52 10.27
N GLY A 280 -10.77 -13.22 11.21
CA GLY A 280 -11.29 -14.53 10.92
C GLY A 280 -10.28 -15.62 11.13
N ILE A 281 -9.03 -15.25 11.38
CA ILE A 281 -7.98 -16.22 11.64
C ILE A 281 -8.17 -16.85 13.03
N ASN A 282 -8.17 -18.18 13.09
CA ASN A 282 -8.28 -18.89 14.35
C ASN A 282 -7.17 -19.92 14.31
N LEU A 283 -6.12 -19.68 15.09
CA LEU A 283 -4.94 -20.53 15.11
C LEU A 283 -5.12 -21.95 15.62
N GLU A 284 -6.24 -22.26 16.25
CA GLU A 284 -6.46 -23.59 16.79
C GLU A 284 -5.99 -24.73 15.90
N LYS A 285 -6.49 -24.76 14.66
CA LYS A 285 -6.09 -25.82 13.76
C LYS A 285 -5.07 -25.36 12.71
N TYR A 286 -4.42 -24.22 12.99
CA TYR A 286 -3.42 -23.70 12.08
C TYR A 286 -2.04 -24.30 12.30
N GLY A 287 -1.30 -24.44 11.21
CA GLY A 287 0.05 -24.95 11.29
C GLY A 287 0.77 -24.52 10.04
N ALA A 288 2.06 -24.24 10.14
CA ALA A 288 2.84 -23.88 8.98
C ALA A 288 3.24 -25.24 8.40
N VAL A 289 3.56 -25.27 7.12
CA VAL A 289 3.93 -26.53 6.49
C VAL A 289 5.38 -26.56 6.09
N LEU A 290 6.11 -27.58 6.55
CA LEU A 290 7.52 -27.71 6.18
C LEU A 290 7.52 -28.28 4.77
N THR A 291 7.79 -27.39 3.82
CA THR A 291 7.79 -27.70 2.41
C THR A 291 9.04 -28.43 1.90
N SER A 292 10.15 -28.23 2.59
CA SER A 292 11.40 -28.87 2.21
C SER A 292 12.36 -28.75 3.38
N GLY A 293 13.45 -29.50 3.30
CA GLY A 293 14.46 -29.48 4.35
C GLY A 293 13.97 -30.05 5.66
N VAL A 294 14.44 -29.47 6.76
CA VAL A 294 14.07 -29.92 8.09
C VAL A 294 13.87 -28.71 8.98
N ASP A 295 13.15 -28.90 10.06
CA ASP A 295 12.89 -27.83 11.01
C ASP A 295 13.72 -28.00 12.29
N GLU A 296 14.84 -27.29 12.35
CA GLU A 296 15.73 -27.34 13.51
C GLU A 296 15.23 -26.41 14.61
N TYR A 297 14.08 -25.79 14.43
CA TYR A 297 13.58 -24.85 15.42
C TYR A 297 12.40 -25.27 16.27
N GLY A 298 11.37 -25.82 15.66
CA GLY A 298 10.21 -26.25 16.44
C GLY A 298 9.46 -25.12 17.15
N HIS A 299 9.77 -23.87 16.80
CA HIS A 299 9.11 -22.72 17.43
C HIS A 299 7.81 -22.28 16.74
N ASN A 300 7.40 -22.99 15.71
CA ASN A 300 6.19 -22.64 14.98
C ASN A 300 5.12 -23.72 15.06
N ARG A 301 3.87 -23.32 14.95
CA ARG A 301 2.78 -24.29 14.91
C ARG A 301 3.06 -24.97 13.57
N ILE A 302 3.02 -26.30 13.54
CA ILE A 302 3.32 -27.01 12.32
C ILE A 302 2.31 -28.08 11.95
N ALA A 303 2.03 -28.19 10.66
CA ALA A 303 1.09 -29.18 10.17
C ALA A 303 1.80 -30.13 9.22
N ARG A 304 1.93 -31.38 9.65
CA ARG A 304 2.57 -32.39 8.84
C ARG A 304 1.51 -33.00 7.94
N THR A 305 0.24 -32.85 8.32
CA THR A 305 -0.87 -33.40 7.55
C THR A 305 -2.02 -32.41 7.42
N SER A 306 -2.71 -32.47 6.28
CA SER A 306 -3.83 -31.57 6.02
C SER A 306 -5.08 -32.14 6.69
N GLN A 307 -6.12 -31.32 6.80
CA GLN A 307 -7.37 -31.73 7.42
C GLN A 307 -7.99 -32.91 6.70
N ARG A 308 -7.48 -33.22 5.51
CA ARG A 308 -8.02 -34.34 4.75
C ARG A 308 -7.08 -35.52 4.67
N GLY A 309 -5.99 -35.46 5.42
CA GLY A 309 -5.06 -36.56 5.42
C GLY A 309 -3.96 -36.44 4.38
N TYR A 310 -3.84 -35.28 3.77
CA TYR A 310 -2.78 -35.12 2.78
C TYR A 310 -1.49 -34.97 3.57
N GLU A 311 -0.58 -35.91 3.37
CA GLU A 311 0.70 -35.89 4.06
C GLU A 311 1.70 -34.94 3.41
N PHE A 312 2.24 -34.02 4.19
CA PHE A 312 3.22 -33.08 3.68
C PHE A 312 4.62 -33.64 3.93
N VAL A 313 5.18 -34.29 2.91
CA VAL A 313 6.50 -34.87 3.03
C VAL A 313 7.52 -33.87 2.49
N PRO A 314 8.36 -33.31 3.39
CA PRO A 314 9.37 -32.32 2.98
C PRO A 314 10.26 -32.79 1.85
N ARG A 315 10.38 -31.95 0.82
CA ARG A 315 11.20 -32.27 -0.34
C ARG A 315 12.67 -31.92 -0.10
N GLN A 316 13.55 -32.85 -0.42
CA GLN A 316 14.98 -32.64 -0.24
C GLN A 316 15.63 -32.13 -1.52
N ILE A 317 15.44 -30.84 -1.80
CA ILE A 317 16.00 -30.22 -2.99
C ILE A 317 17.42 -30.73 -3.26
N ALA B 8 1.06 34.79 15.73
CA ALA B 8 0.46 33.53 15.21
C ALA B 8 1.25 32.31 15.67
N ASN B 9 2.33 32.01 14.95
CA ASN B 9 3.22 30.88 15.25
C ASN B 9 2.54 29.58 15.68
N PHE B 10 2.64 28.55 14.82
CA PHE B 10 2.05 27.25 15.09
C PHE B 10 3.10 26.14 15.04
N THR B 11 4.37 26.51 14.98
CA THR B 11 5.46 25.55 14.94
C THR B 11 5.33 24.50 16.06
N PHE B 12 5.95 23.34 15.86
CA PHE B 12 5.90 22.25 16.84
C PHE B 12 6.89 22.38 17.98
N SER B 13 6.52 21.84 19.15
CA SER B 13 7.38 21.86 20.31
C SER B 13 8.39 20.74 20.10
N PRO B 14 9.54 20.80 20.78
CA PRO B 14 10.54 19.74 20.61
C PRO B 14 9.96 18.36 20.88
N GLU B 15 9.00 18.29 21.80
CA GLU B 15 8.36 17.02 22.13
C GLU B 15 7.58 16.54 20.92
N GLU B 16 6.67 17.40 20.45
CA GLU B 16 5.84 17.08 19.29
C GLU B 16 6.67 16.62 18.10
N VAL B 17 7.81 17.26 17.89
CA VAL B 17 8.68 16.90 16.78
C VAL B 17 9.27 15.51 16.98
N ALA B 18 9.59 15.18 18.23
CA ALA B 18 10.16 13.88 18.56
C ALA B 18 9.09 12.81 18.39
N ARG B 19 7.86 13.15 18.77
CA ARG B 19 6.74 12.24 18.66
C ARG B 19 6.54 11.88 17.19
N PHE B 20 6.54 12.88 16.33
CA PHE B 20 6.38 12.70 14.91
C PHE B 20 7.46 11.78 14.33
N GLU B 21 8.71 12.08 14.67
CA GLU B 21 9.82 11.30 14.18
C GLU B 21 9.74 9.87 14.71
N ARG B 22 9.12 9.71 15.87
CA ARG B 22 8.97 8.40 16.47
C ARG B 22 7.88 7.57 15.77
N ASP B 23 6.77 8.19 15.39
CA ASP B 23 5.67 7.48 14.73
C ASP B 23 5.55 7.66 13.22
N GLY B 24 6.17 8.71 12.69
CA GLY B 24 6.09 8.97 11.26
C GLY B 24 4.88 9.83 10.94
N TYR B 25 4.13 10.18 11.98
CA TYR B 25 2.94 11.01 11.82
C TYR B 25 2.59 11.70 13.14
N ILE B 26 1.73 12.70 13.06
CA ILE B 26 1.29 13.44 14.23
C ILE B 26 -0.13 13.95 13.99
N GLY B 27 -1.02 13.67 14.93
CA GLY B 27 -2.40 14.11 14.79
C GLY B 27 -3.30 13.54 15.86
N PRO B 28 -4.50 14.09 16.05
CA PRO B 28 -5.10 15.21 15.32
C PRO B 28 -4.46 16.56 15.64
N VAL B 29 -4.42 17.45 14.64
CA VAL B 29 -3.91 18.80 14.83
C VAL B 29 -5.03 19.70 14.30
N LYS B 30 -5.28 20.80 15.01
CA LYS B 30 -6.34 21.74 14.64
C LYS B 30 -5.95 22.73 13.56
N ILE B 31 -6.64 22.68 12.42
CA ILE B 31 -6.35 23.62 11.34
C ILE B 31 -7.49 24.64 11.31
N PHE B 32 -8.72 24.14 11.43
CA PHE B 32 -9.91 24.98 11.46
C PHE B 32 -10.87 24.43 12.50
N GLU B 33 -11.81 25.27 12.94
CA GLU B 33 -12.82 24.84 13.89
C GLU B 33 -13.79 24.05 13.03
N PRO B 34 -14.49 23.07 13.62
CA PRO B 34 -15.45 22.27 12.86
C PRO B 34 -16.38 23.11 11.98
N GLU B 35 -17.10 24.02 12.61
CA GLU B 35 -18.04 24.88 11.89
C GLU B 35 -17.33 25.69 10.81
N GLU B 36 -16.10 26.10 11.09
CA GLU B 36 -15.33 26.86 10.12
C GLU B 36 -14.99 25.97 8.93
N MET B 37 -14.55 24.75 9.22
CA MET B 37 -14.20 23.81 8.17
C MET B 37 -15.40 23.57 7.26
N THR B 38 -16.56 23.36 7.87
CA THR B 38 -17.77 23.10 7.11
C THR B 38 -18.16 24.26 6.19
N ARG B 39 -18.08 25.49 6.69
CA ARG B 39 -18.41 26.65 5.84
C ARG B 39 -17.48 26.59 4.64
N ARG B 40 -16.20 26.36 4.91
CA ARG B 40 -15.22 26.28 3.85
C ARG B 40 -15.56 25.22 2.81
N TRP B 41 -15.76 23.99 3.29
CA TRP B 41 -16.07 22.87 2.43
C TRP B 41 -17.40 23.08 1.71
N ASN B 42 -18.34 23.76 2.35
CA ASN B 42 -19.60 24.02 1.68
C ASN B 42 -19.36 24.82 0.40
N ILE B 43 -18.45 25.81 0.46
CA ILE B 43 -18.14 26.63 -0.70
C ILE B 43 -17.32 25.80 -1.70
N ILE B 44 -16.19 25.29 -1.21
CA ILE B 44 -15.29 24.50 -2.04
C ILE B 44 -15.95 23.38 -2.84
N ARG B 45 -16.80 22.60 -2.18
CA ARG B 45 -17.47 21.48 -2.85
C ARG B 45 -18.09 21.95 -4.15
N ARG B 46 -18.82 23.05 -4.08
CA ARG B 46 -19.49 23.62 -5.23
C ARG B 46 -18.51 24.15 -6.27
N GLN B 47 -17.45 24.80 -5.82
CA GLN B 47 -16.48 25.36 -6.76
C GLN B 47 -15.70 24.32 -7.57
N LEU B 48 -15.47 23.15 -6.98
CA LEU B 48 -14.75 22.09 -7.66
C LEU B 48 -15.46 21.76 -8.95
N LEU B 49 -16.79 21.86 -8.93
CA LEU B 49 -17.61 21.55 -10.09
C LEU B 49 -17.28 22.41 -11.28
N ASP B 50 -16.61 23.54 -11.05
CA ASP B 50 -16.23 24.44 -12.13
C ASP B 50 -14.74 24.30 -12.42
N ARG B 51 -14.43 23.69 -13.54
CA ARG B 51 -13.04 23.48 -13.94
C ARG B 51 -12.55 24.47 -14.99
N SER B 52 -13.33 25.51 -15.24
CA SER B 52 -12.97 26.51 -16.25
C SER B 52 -11.54 27.06 -16.08
N LEU B 53 -11.05 27.15 -14.84
CA LEU B 53 -9.71 27.65 -14.63
C LEU B 53 -8.76 26.60 -14.05
N ALA B 54 -9.23 25.36 -14.00
CA ALA B 54 -8.44 24.24 -13.49
C ALA B 54 -7.26 24.01 -14.44
N ILE B 55 -6.08 23.73 -13.89
CA ILE B 55 -4.89 23.52 -14.71
C ILE B 55 -4.84 22.21 -15.49
N TYR B 56 -5.59 21.21 -15.06
CA TYR B 56 -5.58 19.94 -15.79
C TYR B 56 -6.83 19.87 -16.65
N PRO B 57 -6.68 19.46 -17.92
CA PRO B 57 -7.80 19.36 -18.85
C PRO B 57 -8.74 18.21 -18.52
N ASP B 58 -9.87 18.17 -19.23
CA ASP B 58 -10.85 17.13 -19.03
C ASP B 58 -10.31 15.79 -19.51
N SER B 59 -10.23 14.82 -18.60
CA SER B 59 -9.74 13.50 -18.94
C SER B 59 -10.28 12.51 -17.93
N ASN B 60 -9.86 11.26 -18.04
CA ASN B 60 -10.28 10.24 -17.12
C ASN B 60 -9.14 9.90 -16.17
N GLY B 61 -8.05 10.66 -16.28
CA GLY B 61 -6.91 10.44 -15.41
C GLY B 61 -7.28 10.83 -14.00
N LYS B 62 -6.67 10.17 -13.01
CA LYS B 62 -7.00 10.48 -11.63
C LYS B 62 -6.75 11.94 -11.25
N ALA B 63 -5.77 12.57 -11.90
CA ALA B 63 -5.45 13.98 -11.62
C ALA B 63 -6.70 14.81 -11.75
N ASN B 64 -7.57 14.41 -12.67
CA ASN B 64 -8.84 15.08 -12.90
C ASN B 64 -9.93 14.47 -12.01
N ILE B 65 -10.08 13.16 -12.08
CA ILE B 65 -11.09 12.48 -11.30
C ILE B 65 -10.94 12.68 -9.79
N SER B 66 -9.71 12.72 -9.30
CA SER B 66 -9.47 12.93 -7.87
C SER B 66 -9.17 14.41 -7.57
N ASN B 67 -9.44 15.26 -8.55
CA ASN B 67 -9.22 16.70 -8.41
C ASN B 67 -7.89 17.10 -7.81
N TYR B 68 -6.82 16.85 -8.55
CA TYR B 68 -5.47 17.20 -8.13
C TYR B 68 -5.20 18.69 -8.29
N ASP B 69 -4.42 19.24 -7.38
CA ASP B 69 -4.01 20.63 -7.42
C ASP B 69 -5.06 21.70 -7.77
N ARG B 70 -6.24 21.59 -7.18
CA ARG B 70 -7.26 22.59 -7.41
C ARG B 70 -6.93 23.82 -6.58
N HIS B 71 -5.87 23.74 -5.78
CA HIS B 71 -5.44 24.88 -4.97
C HIS B 71 -4.81 25.93 -5.91
N LEU B 72 -4.66 25.58 -7.19
CA LEU B 72 -4.10 26.52 -8.14
C LEU B 72 -5.20 27.31 -8.84
N ASP B 73 -6.45 27.04 -8.48
CA ASP B 73 -7.55 27.79 -9.07
C ASP B 73 -8.71 28.07 -8.11
N ILE B 74 -8.78 27.36 -6.98
CA ILE B 74 -9.83 27.61 -6.00
C ILE B 74 -9.21 28.45 -4.90
N ASP B 75 -9.69 29.68 -4.73
CA ASP B 75 -9.14 30.58 -3.72
C ASP B 75 -9.04 29.97 -2.33
N LEU B 76 -10.13 29.36 -1.84
CA LEU B 76 -10.10 28.76 -0.51
C LEU B 76 -9.03 27.68 -0.37
N LEU B 77 -8.81 26.89 -1.43
CA LEU B 77 -7.78 25.86 -1.37
C LEU B 77 -6.39 26.50 -1.47
N ALA B 78 -6.30 27.57 -2.25
CA ALA B 78 -5.04 28.31 -2.41
C ALA B 78 -4.63 28.80 -1.03
N GLU B 79 -5.59 29.40 -0.32
CA GLU B 79 -5.35 29.92 1.01
C GLU B 79 -5.16 28.79 2.03
N HIS B 80 -5.73 27.63 1.76
CA HIS B 80 -5.62 26.48 2.66
C HIS B 80 -4.18 25.99 2.82
N ILE B 81 -3.48 25.79 1.71
CA ILE B 81 -2.11 25.31 1.75
C ILE B 81 -1.11 26.34 2.28
N MET B 82 -1.50 27.60 2.29
CA MET B 82 -0.65 28.69 2.78
C MET B 82 -0.83 28.89 4.27
N ARG B 83 -1.81 28.19 4.83
CA ARG B 83 -2.12 28.30 6.25
C ARG B 83 -0.98 28.06 7.23
N PRO B 84 -0.67 29.06 8.07
CA PRO B 84 0.40 28.94 9.07
C PRO B 84 0.16 27.75 9.97
N GLU B 85 -1.11 27.41 10.18
CA GLU B 85 -1.45 26.26 11.01
C GLU B 85 -0.89 25.01 10.35
N ILE B 86 -0.68 25.07 9.03
CA ILE B 86 -0.12 23.94 8.30
C ILE B 86 1.37 24.16 8.06
N VAL B 87 1.68 25.31 7.47
CA VAL B 87 3.04 25.72 7.18
C VAL B 87 3.99 25.72 8.38
N ASP B 88 3.57 26.29 9.50
CA ASP B 88 4.44 26.32 10.67
C ASP B 88 4.79 24.92 11.15
N ARG B 89 3.82 24.03 11.18
CA ARG B 89 4.05 22.66 11.63
C ARG B 89 4.93 21.89 10.67
N VAL B 90 4.58 21.92 9.39
CA VAL B 90 5.36 21.24 8.38
C VAL B 90 6.78 21.79 8.43
N GLY B 91 6.89 23.11 8.58
CA GLY B 91 8.20 23.75 8.65
C GLY B 91 9.02 23.29 9.82
N SER B 92 8.36 22.95 10.92
CA SER B 92 9.04 22.47 12.11
C SER B 92 9.61 21.08 11.87
N LEU B 93 9.13 20.42 10.82
CA LEU B 93 9.60 19.07 10.52
C LEU B 93 10.60 18.96 9.39
N ILE B 94 10.48 19.81 8.36
CA ILE B 94 11.40 19.72 7.24
C ILE B 94 12.01 21.02 6.72
N GLY B 95 12.02 22.07 7.54
CA GLY B 95 12.60 23.33 7.07
C GLY B 95 11.62 24.46 6.86
N ARG B 96 12.16 25.67 6.75
CA ARG B 96 11.36 26.87 6.58
C ARG B 96 11.12 27.23 5.12
N ASN B 97 11.81 26.57 4.22
CA ASN B 97 11.63 26.84 2.79
C ASN B 97 10.78 25.73 2.20
N LEU B 98 9.47 25.81 2.45
CA LEU B 98 8.55 24.80 1.98
C LEU B 98 7.86 25.06 0.66
N LEU B 99 7.60 23.98 -0.05
CA LEU B 99 6.92 24.02 -1.33
C LEU B 99 5.76 23.04 -1.25
N CYS B 100 4.57 23.49 -1.62
CA CYS B 100 3.44 22.59 -1.67
C CYS B 100 3.43 22.22 -3.14
N TRP B 101 3.74 20.97 -3.45
CA TRP B 101 3.80 20.52 -4.84
C TRP B 101 2.55 19.80 -5.30
N ARG B 102 1.68 19.44 -4.37
CA ARG B 102 0.46 18.74 -4.73
C ARG B 102 -0.63 18.75 -3.65
N SER B 103 -1.87 18.72 -4.11
CA SER B 103 -3.00 18.65 -3.20
C SER B 103 -3.96 17.70 -3.92
N GLU B 104 -4.77 16.97 -3.16
CA GLU B 104 -5.71 16.03 -3.76
C GLU B 104 -6.82 15.64 -2.78
N PHE B 105 -7.94 15.19 -3.32
CA PHE B 105 -9.04 14.80 -2.45
C PHE B 105 -9.06 13.31 -2.22
N PHE B 106 -9.54 12.92 -1.05
CA PHE B 106 -9.62 11.53 -0.66
C PHE B 106 -11.03 11.26 -0.14
N PRO B 107 -11.97 10.99 -1.05
CA PRO B 107 -13.36 10.71 -0.72
C PRO B 107 -13.49 9.28 -0.24
N LYS B 108 -14.53 8.99 0.52
CA LYS B 108 -14.75 7.65 1.02
C LYS B 108 -16.26 7.56 1.09
N TYR B 109 -16.83 6.57 0.41
CA TYR B 109 -18.28 6.45 0.42
C TYR B 109 -18.74 5.10 0.92
N GLN B 110 -19.99 5.03 1.34
CA GLN B 110 -20.59 3.81 1.86
C GLN B 110 -20.27 2.65 0.93
N GLY B 111 -19.70 1.57 1.49
CA GLY B 111 -19.38 0.43 0.66
C GLY B 111 -17.93 0.33 0.25
N ASP B 112 -17.17 1.41 0.40
CA ASP B 112 -15.76 1.35 0.05
C ASP B 112 -15.08 0.45 1.05
N GLU B 113 -14.18 -0.38 0.56
CA GLU B 113 -13.46 -1.30 1.42
C GLU B 113 -12.24 -0.63 2.04
N GLY B 114 -11.72 -1.23 3.10
CA GLY B 114 -10.54 -0.68 3.71
C GLY B 114 -9.34 -1.21 2.97
N THR B 115 -8.16 -1.03 3.55
CA THR B 115 -6.93 -1.51 2.96
C THR B 115 -6.09 -2.05 4.09
N ASP B 116 -5.26 -3.03 3.76
CA ASP B 116 -4.36 -3.66 4.71
C ASP B 116 -3.16 -2.73 4.85
N TRP B 117 -2.30 -3.00 5.82
CA TRP B 117 -1.12 -2.17 6.05
C TRP B 117 -0.19 -2.08 4.85
N HIS B 118 0.19 -0.85 4.51
CA HIS B 118 1.09 -0.63 3.39
C HIS B 118 1.78 0.74 3.46
N GLN B 119 2.81 0.93 2.64
CA GLN B 119 3.54 2.18 2.55
C GLN B 119 3.43 2.66 1.11
N ALA B 120 2.84 3.83 0.91
CA ALA B 120 2.68 4.39 -0.43
C ALA B 120 3.97 5.03 -0.89
N ALA B 121 4.19 5.01 -2.21
CA ALA B 121 5.39 5.61 -2.80
C ALA B 121 4.96 6.80 -3.63
N THR B 122 5.89 7.72 -3.87
CA THR B 122 5.59 8.91 -4.64
C THR B 122 5.82 8.77 -6.14
N PHE B 123 5.93 7.53 -6.62
CA PHE B 123 6.13 7.28 -8.04
C PHE B 123 4.84 7.53 -8.80
N ALA B 124 4.94 8.03 -10.02
CA ALA B 124 3.75 8.26 -10.83
C ALA B 124 3.23 6.87 -11.19
N HIS B 125 1.92 6.68 -11.14
CA HIS B 125 1.39 5.36 -11.45
C HIS B 125 1.58 5.01 -12.92
N ALA B 126 1.03 5.85 -13.79
CA ALA B 126 1.09 5.65 -15.23
C ALA B 126 2.47 5.35 -15.81
N THR B 127 3.51 5.93 -15.22
CA THR B 127 4.86 5.71 -15.77
C THR B 127 5.87 5.18 -14.77
N GLY B 128 5.56 5.23 -13.50
CA GLY B 128 6.51 4.75 -12.51
C GLY B 128 7.66 5.73 -12.29
N LYS B 129 7.64 6.86 -12.98
CA LYS B 129 8.69 7.86 -12.81
C LYS B 129 8.63 8.45 -11.41
N PRO B 130 9.79 8.75 -10.83
CA PRO B 130 9.72 9.33 -9.49
C PRO B 130 9.20 10.77 -9.65
N GLN B 131 8.33 11.20 -8.74
CA GLN B 131 7.78 12.55 -8.83
C GLN B 131 8.50 13.48 -7.86
N ILE B 132 9.22 12.89 -6.92
CA ILE B 132 9.96 13.63 -5.90
C ILE B 132 11.35 13.05 -5.73
N ILE B 133 12.37 13.87 -5.91
CA ILE B 133 13.75 13.43 -5.73
C ILE B 133 14.51 14.36 -4.80
N TRP B 134 14.89 13.83 -3.64
CA TRP B 134 15.66 14.61 -2.67
C TRP B 134 17.12 14.48 -3.09
N PRO B 135 17.93 15.53 -2.85
CA PRO B 135 19.35 15.48 -3.22
C PRO B 135 20.09 14.45 -2.36
N SER B 136 20.87 13.58 -3.01
CA SER B 136 21.61 12.55 -2.30
C SER B 136 23.08 12.47 -2.74
N ASP B 137 23.84 11.61 -2.07
CA ASP B 137 25.26 11.42 -2.37
C ASP B 137 25.44 10.49 -3.57
N ARG B 140 24.40 6.56 -4.65
CA ARG B 140 23.57 6.34 -3.42
C ARG B 140 22.08 6.53 -3.72
N PRO B 141 21.20 5.95 -2.87
CA PRO B 141 19.75 6.06 -3.06
C PRO B 141 19.19 7.43 -2.68
N ALA B 142 18.31 7.96 -3.52
CA ALA B 142 17.69 9.26 -3.28
C ALA B 142 16.37 9.11 -2.54
N PHE B 143 16.16 9.92 -1.51
CA PHE B 143 14.92 9.87 -0.75
C PHE B 143 13.82 10.42 -1.67
N ILE B 144 12.59 9.97 -1.45
CA ILE B 144 11.49 10.44 -2.29
C ILE B 144 10.20 10.68 -1.53
N GLY B 145 10.31 10.95 -0.23
CA GLY B 145 9.11 11.19 0.56
C GLY B 145 8.65 12.63 0.58
N THR B 146 7.40 12.84 0.98
CA THR B 146 6.83 14.18 1.05
C THR B 146 5.94 14.26 2.28
N ILE B 147 5.97 15.39 2.96
CA ILE B 147 5.13 15.55 4.14
C ILE B 147 3.69 15.74 3.68
N THR B 148 2.79 14.95 4.25
CA THR B 148 1.40 15.01 3.90
C THR B 148 0.51 15.55 5.03
N VAL B 149 -0.23 16.61 4.71
CA VAL B 149 -1.14 17.23 5.64
C VAL B 149 -2.51 16.85 5.13
N TRP B 150 -3.13 15.92 5.83
CA TRP B 150 -4.44 15.37 5.47
C TRP B 150 -5.50 16.02 6.37
N THR B 151 -6.28 16.92 5.82
CA THR B 151 -7.32 17.60 6.59
C THR B 151 -8.71 17.03 6.32
N ALA B 152 -9.48 16.86 7.38
CA ALA B 152 -10.82 16.34 7.27
C ALA B 152 -11.79 17.46 6.94
N PHE B 153 -12.31 17.45 5.72
CA PHE B 153 -13.27 18.46 5.29
C PHE B 153 -14.64 18.09 5.87
N THR B 154 -14.83 16.80 6.10
CA THR B 154 -16.04 16.30 6.75
C THR B 154 -15.45 15.44 7.84
N HIS B 155 -16.26 14.91 8.75
CA HIS B 155 -15.70 14.09 9.80
C HIS B 155 -15.13 12.80 9.23
N SER B 156 -14.05 12.31 9.83
CA SER B 156 -13.46 11.07 9.40
C SER B 156 -13.59 10.14 10.60
N THR B 157 -14.49 9.17 10.50
CA THR B 157 -14.72 8.24 11.60
C THR B 157 -14.43 6.80 11.23
N GLU B 158 -14.35 5.95 12.24
CA GLU B 158 -14.12 4.53 12.02
C GLU B 158 -15.28 4.02 11.16
N GLN B 159 -16.48 4.55 11.37
CA GLN B 159 -17.62 4.12 10.58
C GLN B 159 -17.56 4.49 9.10
N ASN B 160 -17.07 5.68 8.76
CA ASN B 160 -16.99 6.01 7.34
C ASN B 160 -15.63 5.74 6.71
N GLY B 161 -14.91 4.78 7.27
CA GLY B 161 -13.61 4.34 6.75
C GLY B 161 -12.36 5.19 6.92
N CYS B 162 -12.09 5.62 8.16
CA CYS B 162 -10.93 6.45 8.42
C CYS B 162 -9.62 5.71 8.25
N LEU B 163 -8.56 6.50 8.13
CA LEU B 163 -7.23 5.95 7.98
C LEU B 163 -6.76 5.38 9.32
N GLN B 164 -5.82 4.44 9.24
CA GLN B 164 -5.24 3.82 10.41
C GLN B 164 -3.75 4.04 10.28
N LEU B 165 -3.14 4.56 11.34
CA LEU B 165 -1.71 4.85 11.36
C LEU B 165 -1.07 4.10 12.51
N MET B 166 0.04 3.42 12.22
CA MET B 166 0.73 2.63 13.23
C MET B 166 1.86 3.38 13.92
N PRO B 167 1.79 3.49 15.26
CA PRO B 167 2.85 4.19 15.99
C PRO B 167 4.17 3.45 15.84
N GLY B 168 5.25 4.02 16.35
CA GLY B 168 6.53 3.36 16.22
C GLY B 168 7.07 3.61 14.83
N THR B 169 8.27 3.09 14.54
CA THR B 169 8.89 3.30 13.24
C THR B 169 8.77 2.11 12.28
N HIS B 170 8.00 1.10 12.68
CA HIS B 170 7.84 -0.10 11.86
C HIS B 170 7.50 0.22 10.41
N THR B 171 8.15 -0.49 9.50
CA THR B 171 7.92 -0.31 8.06
C THR B 171 7.40 -1.62 7.44
N SER B 172 7.27 -1.63 6.12
CA SER B 172 6.80 -2.82 5.42
C SER B 172 7.91 -3.85 5.39
N MET B 173 9.13 -3.41 5.71
CA MET B 173 10.27 -4.30 5.70
C MET B 173 10.83 -4.64 7.06
N ASN B 174 10.63 -3.76 8.05
CA ASN B 174 11.16 -4.00 9.38
C ASN B 174 10.18 -3.81 10.52
N TYR B 175 10.49 -4.43 11.64
CA TYR B 175 9.67 -4.34 12.84
C TYR B 175 10.58 -4.16 14.05
N ASP B 176 10.60 -2.95 14.59
CA ASP B 176 11.43 -2.65 15.77
C ASP B 176 10.78 -3.15 17.04
N GLU B 177 11.18 -4.34 17.48
CA GLU B 177 10.63 -4.95 18.68
C GLU B 177 11.04 -4.17 19.94
N ASP B 217 -10.69 -8.18 17.19
CA ASP B 217 -11.70 -7.58 16.27
C ASP B 217 -12.66 -6.63 16.98
N GLU B 218 -12.68 -6.67 18.31
CA GLU B 218 -13.56 -5.81 19.11
C GLU B 218 -13.55 -4.38 18.60
N SER B 219 -12.34 -3.81 18.51
CA SER B 219 -12.16 -2.46 18.02
C SER B 219 -11.06 -2.47 16.96
N GLN B 220 -11.00 -1.42 16.15
CA GLN B 220 -9.99 -1.33 15.10
C GLN B 220 -8.66 -0.86 15.63
N ALA B 221 -7.59 -1.23 14.91
CA ALA B 221 -6.25 -0.85 15.31
C ALA B 221 -5.80 0.51 14.80
N TYR B 222 -5.40 1.37 15.74
CA TYR B 222 -4.88 2.71 15.45
C TYR B 222 -5.68 3.59 14.49
N PRO B 223 -6.98 3.77 14.74
CA PRO B 223 -7.78 4.61 13.85
C PRO B 223 -7.49 6.08 14.08
N MET B 224 -7.32 6.84 13.00
CA MET B 224 -7.06 8.27 13.10
C MET B 224 -8.36 9.03 12.84
N VAL B 225 -9.20 9.10 13.85
CA VAL B 225 -10.48 9.78 13.78
C VAL B 225 -10.28 11.30 13.81
N LEU B 226 -10.99 12.02 12.95
CA LEU B 226 -10.83 13.47 12.89
C LEU B 226 -12.13 14.24 12.75
N LYS B 227 -12.25 15.32 13.52
CA LYS B 227 -13.42 16.17 13.44
C LYS B 227 -13.18 17.07 12.24
N PRO B 228 -14.24 17.67 11.67
CA PRO B 228 -13.94 18.52 10.52
C PRO B 228 -13.00 19.64 11.00
N GLY B 229 -11.96 19.91 10.23
CA GLY B 229 -11.03 20.96 10.60
C GLY B 229 -9.75 20.41 11.17
N GLU B 230 -9.80 19.16 11.65
CA GLU B 230 -8.63 18.51 12.20
C GLU B 230 -7.87 17.85 11.06
N ALA B 231 -6.57 17.69 11.28
CA ALA B 231 -5.73 17.07 10.28
C ALA B 231 -4.71 16.17 10.92
N VAL B 232 -4.19 15.26 10.12
CA VAL B 232 -3.14 14.38 10.59
C VAL B 232 -2.01 14.71 9.64
N ILE B 233 -0.80 14.81 10.18
CA ILE B 233 0.37 15.11 9.37
C ILE B 233 1.24 13.85 9.40
N PHE B 234 1.73 13.44 8.23
CA PHE B 234 2.54 12.23 8.16
C PHE B 234 3.38 12.16 6.92
N TRP B 235 4.45 11.38 6.99
CA TRP B 235 5.30 11.19 5.82
C TRP B 235 4.44 10.42 4.82
N SER B 236 4.59 10.74 3.54
CA SER B 236 3.79 10.10 2.51
C SER B 236 4.00 8.59 2.48
N ASN B 237 5.13 8.13 3.00
CA ASN B 237 5.44 6.71 3.01
C ASN B 237 5.33 6.07 4.39
N THR B 238 4.46 6.62 5.23
CA THR B 238 4.27 6.05 6.57
C THR B 238 3.30 4.88 6.52
N MET B 239 3.61 3.86 7.32
CA MET B 239 2.80 2.66 7.41
C MET B 239 1.35 3.02 7.75
N HIS B 240 0.42 2.64 6.89
CA HIS B 240 -0.98 2.94 7.18
C HIS B 240 -1.90 1.89 6.59
N ALA B 241 -3.16 1.99 6.97
CA ALA B 241 -4.19 1.08 6.49
C ALA B 241 -5.46 1.89 6.53
N SER B 242 -6.59 1.27 6.28
CA SER B 242 -7.83 2.01 6.33
C SER B 242 -8.96 1.05 6.56
N LEU B 243 -10.03 1.57 7.13
CA LEU B 243 -11.22 0.80 7.44
C LEU B 243 -12.22 0.93 6.32
N PRO B 244 -13.15 -0.03 6.22
CA PRO B 244 -14.16 0.05 5.17
C PRO B 244 -15.21 1.03 5.64
N HIS B 245 -15.99 1.56 4.70
CA HIS B 245 -17.04 2.50 5.04
C HIS B 245 -18.30 1.68 5.29
N THR B 246 -18.64 1.54 6.56
CA THR B 246 -19.81 0.76 6.97
C THR B 246 -20.94 1.63 7.48
N GLY B 247 -20.94 2.91 7.11
CA GLY B 247 -21.98 3.83 7.57
C GLY B 247 -23.09 4.00 6.56
N SER B 248 -23.90 5.04 6.73
CA SER B 248 -24.99 5.26 5.79
C SER B 248 -24.49 5.83 4.46
N LYS B 249 -25.36 5.80 3.45
CA LYS B 249 -25.02 6.29 2.13
C LYS B 249 -24.89 7.80 2.03
N THR B 250 -25.50 8.53 2.96
CA THR B 250 -25.43 9.99 2.95
C THR B 250 -24.28 10.53 3.80
N ASP B 251 -23.53 9.63 4.42
CA ASP B 251 -22.40 10.06 5.23
C ASP B 251 -21.13 9.73 4.46
N TYR B 252 -20.46 10.74 3.94
CA TYR B 252 -19.23 10.49 3.21
C TYR B 252 -18.12 11.20 3.93
N ARG B 253 -16.92 10.65 3.80
CA ARG B 253 -15.76 11.26 4.41
C ARG B 253 -15.08 11.97 3.25
N MET B 254 -14.53 13.15 3.50
CA MET B 254 -13.84 13.87 2.47
C MET B 254 -12.54 14.41 3.03
N GLY B 255 -11.44 13.78 2.63
CA GLY B 255 -10.14 14.22 3.10
C GLY B 255 -9.47 15.05 2.02
N PHE B 256 -8.75 16.09 2.44
CA PHE B 256 -8.03 16.94 1.51
C PHE B 256 -6.57 16.89 1.92
N ALA B 257 -5.72 16.41 1.02
CA ALA B 257 -4.31 16.31 1.34
C ALA B 257 -3.46 17.31 0.56
N ALA B 258 -2.54 17.94 1.30
CA ALA B 258 -1.61 18.91 0.73
C ALA B 258 -0.22 18.32 0.96
N ARG B 259 0.58 18.24 -0.10
CA ARG B 259 1.92 17.65 -0.01
C ARG B 259 3.02 18.70 -0.01
N TYR B 260 3.89 18.64 0.98
CA TYR B 260 4.98 19.60 1.08
C TYR B 260 6.34 18.96 0.91
N VAL B 261 7.26 19.75 0.37
CA VAL B 261 8.61 19.28 0.11
C VAL B 261 9.57 20.47 0.24
N PRO B 262 10.74 20.26 0.87
CA PRO B 262 11.70 21.35 1.01
C PRO B 262 12.14 21.83 -0.36
N THR B 263 12.66 23.04 -0.43
CA THR B 263 13.10 23.63 -1.70
C THR B 263 14.24 22.89 -2.40
N GLN B 264 15.04 22.14 -1.66
CA GLN B 264 16.15 21.38 -2.27
C GLN B 264 15.58 20.22 -3.09
N VAL B 265 14.36 19.82 -2.78
CA VAL B 265 13.73 18.71 -3.47
C VAL B 265 13.36 19.07 -4.91
N GLN B 266 13.54 18.11 -5.81
CA GLN B 266 13.22 18.29 -7.21
C GLN B 266 11.83 17.70 -7.50
N VAL B 267 10.90 18.57 -7.87
CA VAL B 267 9.54 18.15 -8.19
C VAL B 267 9.42 17.83 -9.68
N TYR B 268 8.74 16.73 -9.99
CA TYR B 268 8.58 16.27 -11.37
C TYR B 268 9.90 16.35 -12.13
N PRO B 269 10.95 15.70 -11.59
CA PRO B 269 12.27 15.70 -12.24
C PRO B 269 12.27 15.20 -13.67
N GLY B 270 13.19 15.74 -14.47
CA GLY B 270 13.32 15.34 -15.86
C GLY B 270 12.08 15.54 -16.69
N THR B 271 11.33 16.61 -16.43
CA THR B 271 10.10 16.85 -17.18
C THR B 271 10.09 18.09 -18.04
N GLU B 272 11.12 18.94 -17.91
CA GLU B 272 11.16 20.14 -18.74
C GLU B 272 11.14 19.63 -20.17
N ASN B 273 10.52 20.39 -21.08
CA ASN B 273 10.40 19.97 -22.46
C ASN B 273 9.37 18.84 -22.49
N LEU B 274 8.34 18.98 -21.66
CA LEU B 274 7.29 17.97 -21.56
C LEU B 274 6.04 18.54 -20.89
N THR B 275 4.88 18.26 -21.46
CA THR B 275 3.62 18.73 -20.89
C THR B 275 2.82 17.52 -20.41
N GLU B 276 2.52 16.60 -21.32
CA GLU B 276 1.78 15.39 -20.98
C GLU B 276 2.62 14.50 -20.07
N TYR B 277 2.22 14.41 -18.80
CA TYR B 277 2.97 13.62 -17.83
C TYR B 277 2.33 12.28 -17.49
N GLY B 278 1.03 12.15 -17.74
CA GLY B 278 0.33 10.90 -17.43
C GLY B 278 -0.66 11.06 -16.28
N ASP B 279 -1.60 10.12 -16.19
CA ASP B 279 -2.63 10.14 -15.15
C ASP B 279 -3.45 11.44 -15.19
N GLY B 280 -3.50 12.06 -16.35
CA GLY B 280 -4.28 13.29 -16.50
C GLY B 280 -3.48 14.55 -16.17
N ILE B 281 -2.26 14.37 -15.68
CA ILE B 281 -1.42 15.50 -15.32
C ILE B 281 -0.76 16.11 -16.54
N ASN B 282 -0.95 17.42 -16.71
CA ASN B 282 -0.33 18.14 -17.81
C ASN B 282 0.40 19.29 -17.15
N LEU B 283 1.73 19.23 -17.15
CA LEU B 283 2.56 20.24 -16.50
C LEU B 283 2.60 21.64 -17.12
N GLU B 284 1.92 21.83 -18.23
CA GLU B 284 1.92 23.13 -18.88
C GLU B 284 1.69 24.29 -17.92
N LYS B 285 0.58 24.25 -17.19
CA LYS B 285 0.25 25.30 -16.25
C LYS B 285 0.57 24.93 -14.81
N TYR B 286 1.30 23.85 -14.61
CA TYR B 286 1.65 23.41 -13.26
C TYR B 286 2.77 24.23 -12.65
N GLY B 287 2.77 24.27 -11.32
CA GLY B 287 3.81 24.97 -10.60
C GLY B 287 3.71 24.67 -9.13
N ALA B 288 4.85 24.50 -8.46
CA ALA B 288 4.82 24.26 -7.03
C ALA B 288 4.73 25.64 -6.39
N VAL B 289 4.16 25.69 -5.19
CA VAL B 289 4.01 26.96 -4.50
C VAL B 289 4.95 27.12 -3.31
N LEU B 290 5.68 28.23 -3.29
CA LEU B 290 6.59 28.52 -2.19
C LEU B 290 5.69 29.09 -1.09
N THR B 291 5.32 28.25 -0.13
CA THR B 291 4.44 28.64 0.96
C THR B 291 5.16 29.36 2.08
N SER B 292 6.46 29.16 2.19
CA SER B 292 7.24 29.81 3.24
C SER B 292 8.73 29.88 2.91
N GLY B 293 9.43 30.77 3.60
CA GLY B 293 10.86 30.93 3.38
C GLY B 293 11.19 31.55 2.03
N VAL B 294 12.21 30.99 1.39
CA VAL B 294 12.68 31.48 0.09
C VAL B 294 13.19 30.31 -0.74
N ASP B 295 13.18 30.46 -2.06
CA ASP B 295 13.66 29.41 -2.95
C ASP B 295 14.96 29.80 -3.64
N GLU B 296 16.06 29.22 -3.17
CA GLU B 296 17.38 29.50 -3.73
C GLU B 296 17.79 28.58 -4.86
N TYR B 297 17.16 27.41 -4.94
CA TYR B 297 17.51 26.46 -5.97
C TYR B 297 16.87 26.79 -7.31
N GLY B 298 15.60 27.16 -7.30
CA GLY B 298 14.93 27.50 -8.55
C GLY B 298 15.00 26.40 -9.59
N HIS B 299 14.94 25.14 -9.15
CA HIS B 299 14.99 24.01 -10.08
C HIS B 299 13.61 23.40 -10.36
N ASN B 300 12.57 24.07 -9.88
CA ASN B 300 11.20 23.57 -10.08
C ASN B 300 10.30 24.57 -10.77
N ARG B 301 9.24 24.06 -11.39
CA ARG B 301 8.26 24.94 -12.01
C ARG B 301 7.61 25.59 -10.80
N ILE B 302 7.28 26.88 -10.91
CA ILE B 302 6.67 27.55 -9.78
C ILE B 302 5.47 28.41 -10.14
N ALA B 303 4.50 28.42 -9.24
CA ALA B 303 3.28 29.21 -9.43
C ALA B 303 3.30 30.25 -8.32
N ARG B 304 3.32 31.52 -8.70
CA ARG B 304 3.35 32.58 -7.72
C ARG B 304 1.94 33.12 -7.55
N THR B 305 1.13 32.93 -8.59
CA THR B 305 -0.24 33.37 -8.60
C THR B 305 -1.10 32.22 -9.11
N SER B 306 -2.27 32.03 -8.53
CA SER B 306 -3.17 30.97 -8.94
C SER B 306 -3.79 31.41 -10.26
N GLN B 307 -4.61 30.54 -10.85
CA GLN B 307 -5.29 30.86 -12.09
C GLN B 307 -6.35 31.93 -11.86
N ARG B 308 -6.77 32.11 -10.60
CA ARG B 308 -7.79 33.13 -10.32
C ARG B 308 -7.19 34.38 -9.73
N GLY B 309 -5.87 34.52 -9.88
CA GLY B 309 -5.21 35.71 -9.38
C GLY B 309 -4.82 35.68 -7.92
N TYR B 310 -4.95 34.52 -7.27
CA TYR B 310 -4.59 34.45 -5.86
C TYR B 310 -3.08 34.47 -5.70
N GLU B 311 -2.60 35.52 -5.06
CA GLU B 311 -1.18 35.71 -4.84
C GLU B 311 -0.59 34.90 -3.69
N PHE B 312 0.41 34.08 -3.99
CA PHE B 312 1.07 33.26 -2.99
C PHE B 312 2.25 34.03 -2.43
N VAL B 313 2.10 34.55 -1.22
CA VAL B 313 3.15 35.30 -0.56
C VAL B 313 3.78 34.42 0.51
N PRO B 314 5.03 34.02 0.32
CA PRO B 314 5.69 33.16 1.29
C PRO B 314 5.59 33.69 2.70
N ARG B 315 5.21 32.82 3.62
CA ARG B 315 5.12 33.20 5.01
C ARG B 315 6.54 33.05 5.53
N GLN B 316 6.87 33.76 6.60
CA GLN B 316 8.19 33.64 7.17
C GLN B 316 7.95 33.05 8.55
N ILE B 317 8.03 31.72 8.60
CA ILE B 317 7.80 30.98 9.83
C ILE B 317 8.60 31.59 10.97
N PRO B 318 7.89 32.04 12.03
CA PRO B 318 8.49 32.65 13.22
C PRO B 318 9.56 31.77 13.88
N SER B 319 10.78 32.29 13.95
CA SER B 319 11.89 31.59 14.54
C SER B 319 11.68 31.36 16.04
#